data_3D9P
#
_entry.id   3D9P
#
_cell.length_a   57.520
_cell.length_b   57.520
_cell.length_c   106.790
_cell.angle_alpha   90.00
_cell.angle_beta   90.00
_cell.angle_gamma   90.00
#
_symmetry.space_group_name_H-M   'P 43'
#
loop_
_entity.id
_entity.type
_entity.pdbx_description
1 polymer 'RNA-binding protein 16'
2 polymer CTD-PEPTIDE
3 non-polymer 'SULFATE ION'
4 water water
#
loop_
_entity_poly.entity_id
_entity_poly.type
_entity_poly.pdbx_seq_one_letter_code
_entity_poly.pdbx_strand_id
1 'polypeptide(L)'
;MEAVKTFNSELYSLNDYKPPISKAKMTQITKAAIKAIKFYKHVVQSVEKFIQKCKPEYKVPGLYVIDSIVRQSRHQFGQE
KDVFAPRFSNNIISTFQNLYRCPGDDKSKIVTVLNLWQKNNVFKSEIIQPLLDMAAALEHHHHHH
;
A,B
2 'polypeptide(L)' Y(SEP)PT(SEP)PSY(SEP)PT(SEP)PS Y,Z
#
loop_
_chem_comp.id
_chem_comp.type
_chem_comp.name
_chem_comp.formula
SO4 non-polymer 'SULFATE ION' 'O4 S -2'
#
# COMPACT_ATOMS: atom_id res chain seq x y z
N GLU A 2 20.78 0.97 -8.61
CA GLU A 2 19.76 0.99 -9.70
C GLU A 2 18.63 0.03 -9.36
N ALA A 3 18.93 -1.26 -9.43
CA ALA A 3 18.02 -2.31 -8.95
C ALA A 3 17.83 -2.15 -7.44
N VAL A 4 18.89 -1.72 -6.77
CA VAL A 4 18.87 -1.50 -5.32
C VAL A 4 18.22 -0.17 -4.97
N LYS A 5 18.36 0.83 -5.85
CA LYS A 5 17.66 2.11 -5.70
C LYS A 5 16.15 1.86 -5.64
N THR A 6 15.64 1.10 -6.59
CA THR A 6 14.22 0.73 -6.62
C THR A 6 13.79 -0.08 -5.40
N PHE A 7 14.64 -1.04 -4.98
CA PHE A 7 14.35 -1.82 -3.78
C PHE A 7 14.34 -0.93 -2.54
N ASN A 8 15.33 -0.04 -2.44
CA ASN A 8 15.42 0.89 -1.32
C ASN A 8 14.17 1.77 -1.20
N SER A 9 13.75 2.35 -2.33
CA SER A 9 12.58 3.24 -2.36
CA SER A 9 12.59 3.25 -2.33
C SER A 9 11.32 2.48 -1.97
N GLU A 10 11.16 1.28 -2.50
CA GLU A 10 10.01 0.45 -2.18
C GLU A 10 9.98 -0.01 -0.72
N LEU A 11 11.14 -0.41 -0.19
CA LEU A 11 11.28 -0.76 1.23
C LEU A 11 10.96 0.44 2.15
N TYR A 12 11.56 1.60 1.86
CA TYR A 12 11.31 2.77 2.68
C TYR A 12 9.93 3.38 2.50
N SER A 13 9.25 2.99 1.42
CA SER A 13 7.86 3.39 1.21
C SER A 13 6.94 2.84 2.30
N LEU A 14 7.43 1.86 3.08
CA LEU A 14 6.68 1.31 4.21
C LEU A 14 6.22 2.42 5.14
N ASN A 15 7.06 3.45 5.28
CA ASN A 15 6.77 4.66 6.07
C ASN A 15 5.52 5.45 5.70
N ASP A 16 5.01 5.25 4.49
CA ASP A 16 3.78 5.91 4.06
C ASP A 16 2.52 5.22 4.63
N TYR A 17 2.72 4.07 5.28
CA TYR A 17 1.61 3.18 5.65
C TYR A 17 1.52 2.85 7.14
N LYS A 18 0.29 2.70 7.62
CA LYS A 18 0.07 2.20 8.97
C LYS A 18 -0.06 0.69 8.91
N PRO A 19 0.79 -0.04 9.66
CA PRO A 19 0.70 -1.50 9.62
C PRO A 19 -0.64 -2.00 10.19
N PRO A 20 -1.07 -3.22 9.81
CA PRO A 20 -0.38 -4.22 9.00
C PRO A 20 -0.26 -3.87 7.52
N ILE A 21 0.89 -4.22 6.94
CA ILE A 21 1.22 -3.92 5.57
C ILE A 21 0.47 -4.83 4.58
N SER A 22 0.03 -4.21 3.49
CA SER A 22 -0.61 -4.87 2.37
C SER A 22 0.22 -6.04 1.82
N LYS A 23 -0.47 -7.11 1.45
CA LYS A 23 0.16 -8.25 0.79
C LYS A 23 0.80 -7.80 -0.53
N ALA A 24 0.09 -6.98 -1.31
CA ALA A 24 0.63 -6.48 -2.57
C ALA A 24 1.92 -5.66 -2.39
N LYS A 25 1.97 -4.84 -1.34
CA LYS A 25 3.17 -4.06 -1.06
C LYS A 25 4.34 -4.97 -0.67
N MET A 26 4.08 -5.96 0.19
CA MET A 26 5.08 -6.95 0.55
C MET A 26 5.57 -7.74 -0.68
N THR A 27 4.65 -8.08 -1.58
CA THR A 27 5.00 -8.75 -2.86
C THR A 27 5.92 -7.86 -3.72
N GLN A 28 5.53 -6.59 -3.89
CA GLN A 28 6.35 -5.60 -4.61
C GLN A 28 7.79 -5.54 -4.07
N ILE A 29 7.94 -5.38 -2.77
CA ILE A 29 9.25 -5.33 -2.12
C ILE A 29 10.04 -6.61 -2.38
N THR A 30 9.41 -7.76 -2.17
CA THR A 30 10.03 -9.07 -2.40
C THR A 30 10.53 -9.24 -3.85
N LYS A 31 9.67 -8.92 -4.81
CA LYS A 31 10.03 -9.06 -6.23
C LYS A 31 11.21 -8.15 -6.61
N ALA A 32 11.27 -6.96 -6.02
CA ALA A 32 12.41 -6.06 -6.22
C ALA A 32 13.70 -6.59 -5.57
N ALA A 33 13.58 -7.28 -4.44
CA ALA A 33 14.77 -7.87 -3.82
C ALA A 33 15.30 -9.01 -4.70
N ILE A 34 14.39 -9.86 -5.17
CA ILE A 34 14.74 -11.02 -5.98
C ILE A 34 15.23 -10.64 -7.36
N LYS A 35 14.63 -9.63 -7.97
CA LYS A 35 15.14 -9.05 -9.21
C LYS A 35 16.60 -8.56 -9.05
N ALA A 36 16.89 -8.00 -7.88
CA ALA A 36 18.24 -7.51 -7.50
C ALA A 36 19.17 -8.58 -6.88
N ILE A 37 18.96 -9.85 -7.22
CA ILE A 37 19.74 -10.94 -6.62
C ILE A 37 21.26 -10.84 -6.85
N LYS A 38 21.67 -10.11 -7.89
CA LYS A 38 23.07 -9.80 -8.15
C LYS A 38 23.67 -8.98 -7.01
N PHE A 39 22.85 -8.12 -6.42
CA PHE A 39 23.29 -7.27 -5.33
C PHE A 39 22.65 -7.70 -4.01
N TYR A 40 22.66 -9.00 -3.73
CA TYR A 40 21.96 -9.54 -2.55
C TYR A 40 22.54 -9.01 -1.23
N LYS A 41 23.86 -8.82 -1.20
CA LYS A 41 24.53 -8.25 -0.03
C LYS A 41 24.00 -6.84 0.28
N HIS A 42 23.79 -6.04 -0.77
CA HIS A 42 23.21 -4.70 -0.63
C HIS A 42 21.75 -4.75 -0.17
N VAL A 43 20.98 -5.68 -0.74
CA VAL A 43 19.58 -5.91 -0.35
C VAL A 43 19.51 -6.25 1.14
N VAL A 44 20.32 -7.22 1.59
CA VAL A 44 20.35 -7.59 3.00
C VAL A 44 20.71 -6.39 3.89
N GLN A 45 21.76 -5.66 3.50
CA GLN A 45 22.24 -4.49 4.25
C GLN A 45 21.18 -3.40 4.42
N SER A 46 20.43 -3.13 3.35
CA SER A 46 19.34 -2.15 3.37
CA SER A 46 19.34 -2.15 3.38
C SER A 46 18.19 -2.56 4.30
N VAL A 47 17.84 -3.85 4.31
CA VAL A 47 16.79 -4.36 5.18
C VAL A 47 17.22 -4.23 6.65
N GLU A 48 18.46 -4.62 6.93
CA GLU A 48 19.01 -4.55 8.28
C GLU A 48 19.08 -3.10 8.78
N LYS A 49 19.46 -2.17 7.91
CA LYS A 49 19.50 -0.77 8.30
C LYS A 49 18.11 -0.19 8.54
N PHE A 50 17.13 -0.63 7.74
CA PHE A 50 15.76 -0.21 7.95
C PHE A 50 15.26 -0.67 9.33
N ILE A 51 15.48 -1.94 9.64
CA ILE A 51 15.09 -2.51 10.94
C ILE A 51 15.78 -1.81 12.10
N GLN A 52 17.06 -1.46 11.91
CA GLN A 52 17.85 -0.76 12.93
CA GLN A 52 17.81 -0.79 12.95
C GLN A 52 17.27 0.62 13.24
N LYS A 53 16.94 1.37 12.19
CA LYS A 53 16.56 2.80 12.32
C LYS A 53 15.05 3.15 12.30
N CYS A 54 14.19 2.22 11.91
CA CYS A 54 12.76 2.50 11.75
C CYS A 54 12.07 2.71 13.09
N LYS A 55 10.92 3.39 13.07
CA LYS A 55 10.04 3.53 14.26
C LYS A 55 9.56 2.15 14.71
N PRO A 56 9.22 1.99 16.00
CA PRO A 56 8.79 0.69 16.54
C PRO A 56 7.68 -0.04 15.76
N GLU A 57 6.71 0.69 15.21
CA GLU A 57 5.62 0.07 14.46
C GLU A 57 6.06 -0.70 13.19
N TYR A 58 7.25 -0.43 12.69
CA TYR A 58 7.72 -1.06 11.45
C TYR A 58 8.70 -2.20 11.68
N LYS A 59 8.95 -2.53 12.95
CA LYS A 59 9.82 -3.66 13.29
C LYS A 59 9.27 -4.94 12.70
N VAL A 60 8.03 -5.28 13.04
CA VAL A 60 7.38 -6.47 12.49
C VAL A 60 7.27 -6.49 10.93
N PRO A 61 6.78 -5.39 10.30
CA PRO A 61 6.92 -5.20 8.84
C PRO A 61 8.31 -5.52 8.28
N GLY A 62 9.35 -4.98 8.92
CA GLY A 62 10.74 -5.31 8.54
C GLY A 62 11.03 -6.80 8.59
N LEU A 63 10.56 -7.47 9.65
CA LEU A 63 10.73 -8.91 9.76
C LEU A 63 9.96 -9.67 8.67
N TYR A 64 8.74 -9.23 8.39
CA TYR A 64 7.97 -9.81 7.31
C TYR A 64 8.66 -9.65 5.97
N VAL A 65 9.42 -8.58 5.80
CA VAL A 65 10.22 -8.41 4.58
C VAL A 65 11.27 -9.52 4.47
N ILE A 66 11.99 -9.78 5.57
CA ILE A 66 13.01 -10.86 5.58
C ILE A 66 12.33 -12.19 5.28
N ASP A 67 11.25 -12.47 6.02
CA ASP A 67 10.47 -13.69 5.83
C ASP A 67 10.01 -13.85 4.39
N SER A 68 9.39 -12.80 3.82
CA SER A 68 8.88 -12.90 2.45
CA SER A 68 8.89 -12.86 2.44
C SER A 68 10.01 -13.17 1.45
N ILE A 69 11.15 -12.52 1.66
CA ILE A 69 12.28 -12.63 0.75
C ILE A 69 12.89 -14.02 0.81
N VAL A 70 13.16 -14.52 2.02
CA VAL A 70 13.77 -15.83 2.15
C VAL A 70 12.86 -16.96 1.64
N ARG A 71 11.55 -16.87 1.90
CA ARG A 71 10.61 -17.90 1.42
C ARG A 71 10.49 -17.93 -0.09
N GLN A 72 10.39 -16.74 -0.71
CA GLN A 72 10.31 -16.64 -2.15
C GLN A 72 11.61 -17.15 -2.77
N SER A 73 12.74 -16.76 -2.18
CA SER A 73 14.05 -17.15 -2.71
C SER A 73 14.30 -18.66 -2.64
N ARG A 74 13.92 -19.28 -1.52
CA ARG A 74 14.04 -20.76 -1.38
C ARG A 74 13.06 -21.47 -2.32
N HIS A 75 11.84 -20.94 -2.45
CA HIS A 75 10.89 -21.49 -3.42
C HIS A 75 11.42 -21.40 -4.86
N GLN A 76 11.95 -20.23 -5.22
CA GLN A 76 12.31 -19.90 -6.62
C GLN A 76 13.66 -20.48 -7.08
N PHE A 77 14.64 -20.50 -6.18
CA PHE A 77 16.01 -20.89 -6.51
C PHE A 77 16.44 -22.21 -5.86
N GLY A 78 15.63 -22.73 -4.94
CA GLY A 78 15.98 -23.96 -4.25
C GLY A 78 16.48 -23.64 -2.85
N GLN A 79 16.16 -24.51 -1.90
CA GLN A 79 16.43 -24.25 -0.48
C GLN A 79 17.94 -24.11 -0.22
N GLU A 80 18.72 -24.95 -0.90
CA GLU A 80 20.17 -25.00 -0.73
C GLU A 80 20.94 -24.00 -1.60
N LYS A 81 20.25 -23.40 -2.56
CA LYS A 81 20.86 -22.43 -3.48
C LYS A 81 20.54 -21.02 -3.10
N ASP A 82 19.51 -20.85 -2.28
CA ASP A 82 19.12 -19.54 -1.79
C ASP A 82 20.33 -18.84 -1.16
N VAL A 83 20.52 -17.59 -1.55
CA VAL A 83 21.61 -16.74 -1.05
C VAL A 83 21.15 -15.86 0.13
N PHE A 84 19.84 -15.63 0.22
CA PHE A 84 19.32 -14.67 1.17
C PHE A 84 19.36 -15.10 2.65
N ALA A 85 18.90 -16.30 2.97
CA ALA A 85 18.95 -16.78 4.37
C ALA A 85 20.37 -16.83 4.93
N PRO A 86 21.32 -17.48 4.21
CA PRO A 86 22.70 -17.49 4.68
C PRO A 86 23.28 -16.10 4.90
N ARG A 87 22.96 -15.15 4.02
CA ARG A 87 23.43 -13.80 4.20
C ARG A 87 22.76 -13.10 5.39
N PHE A 88 21.45 -13.21 5.52
CA PHE A 88 20.76 -12.70 6.73
C PHE A 88 21.26 -13.30 8.06
N SER A 89 21.73 -14.56 8.02
CA SER A 89 22.22 -15.23 9.24
CA SER A 89 22.25 -15.26 9.20
C SER A 89 23.46 -14.58 9.84
N ASN A 90 24.25 -13.86 9.05
CA ASN A 90 25.48 -13.22 9.54
C ASN A 90 25.23 -12.27 10.74
N ASN A 91 24.26 -11.38 10.59
CA ASN A 91 23.94 -10.40 11.62
C ASN A 91 22.59 -10.67 12.30
N ILE A 92 22.02 -11.86 12.09
CA ILE A 92 20.64 -12.13 12.50
CA ILE A 92 20.64 -12.12 12.49
C ILE A 92 20.39 -11.89 14.00
N ILE A 93 21.41 -12.12 14.83
CA ILE A 93 21.26 -11.93 16.28
C ILE A 93 21.02 -10.46 16.59
N SER A 94 21.83 -9.62 15.98
CA SER A 94 21.72 -8.17 16.10
CA SER A 94 21.73 -8.17 16.10
C SER A 94 20.39 -7.68 15.55
N THR A 95 20.00 -8.21 14.40
CA THR A 95 18.73 -7.87 13.75
C THR A 95 17.54 -8.10 14.68
N PHE A 96 17.51 -9.27 15.31
CA PHE A 96 16.44 -9.59 16.26
C PHE A 96 16.47 -8.78 17.54
N GLN A 97 17.67 -8.40 17.99
CA GLN A 97 17.83 -7.41 19.07
C GLN A 97 17.07 -6.13 18.74
N ASN A 98 17.26 -5.63 17.52
CA ASN A 98 16.54 -4.46 17.00
C ASN A 98 15.04 -4.72 16.87
N LEU A 99 14.67 -5.88 16.35
CA LEU A 99 13.26 -6.24 16.18
C LEU A 99 12.47 -6.26 17.49
N TYR A 100 13.10 -6.68 18.59
CA TYR A 100 12.38 -6.77 19.87
C TYR A 100 12.20 -5.42 20.56
N ARG A 101 12.59 -4.34 19.89
CA ARG A 101 12.30 -2.98 20.35
CA ARG A 101 12.30 -2.97 20.34
C ARG A 101 10.97 -2.51 19.76
N CYS A 102 10.13 -3.47 19.39
CA CYS A 102 8.79 -3.27 18.83
C CYS A 102 7.78 -3.08 19.96
N PRO A 103 6.55 -2.60 19.65
CA PRO A 103 5.55 -2.54 20.74
C PRO A 103 5.32 -3.92 21.36
N GLY A 104 5.07 -3.94 22.66
CA GLY A 104 4.89 -5.20 23.41
C GLY A 104 3.88 -6.16 22.81
N ASP A 105 2.86 -5.60 22.17
CA ASP A 105 1.81 -6.38 21.52
CA ASP A 105 1.81 -6.40 21.53
C ASP A 105 2.28 -7.02 20.20
N ASP A 106 3.42 -6.55 19.68
CA ASP A 106 3.97 -7.08 18.44
C ASP A 106 4.93 -8.24 18.65
N LYS A 107 5.35 -8.45 19.89
CA LYS A 107 6.33 -9.50 20.21
C LYS A 107 5.88 -10.91 19.80
N SER A 108 4.59 -11.19 19.95
CA SER A 108 3.99 -12.49 19.57
C SER A 108 4.12 -12.78 18.07
N LYS A 109 4.09 -11.72 17.27
CA LYS A 109 4.21 -11.82 15.81
C LYS A 109 5.61 -12.27 15.39
N ILE A 110 6.61 -11.83 16.16
CA ILE A 110 8.01 -12.21 15.91
C ILE A 110 8.24 -13.70 16.21
N VAL A 111 7.77 -14.14 17.36
CA VAL A 111 7.81 -15.54 17.80
C VAL A 111 7.15 -16.52 16.80
N THR A 112 6.00 -16.12 16.26
CA THR A 112 5.33 -16.90 15.22
C THR A 112 6.21 -17.15 13.99
N VAL A 113 6.84 -16.09 13.47
CA VAL A 113 7.78 -16.21 12.36
C VAL A 113 8.91 -17.20 12.69
N LEU A 114 9.54 -17.01 13.85
CA LEU A 114 10.61 -17.90 14.29
C LEU A 114 10.18 -19.34 14.37
N ASN A 115 9.00 -19.58 14.95
CA ASN A 115 8.45 -20.92 15.09
C ASN A 115 8.27 -21.58 13.71
N LEU A 116 7.81 -20.80 12.74
CA LEU A 116 7.64 -21.27 11.37
C LEU A 116 8.97 -21.51 10.64
N TRP A 117 9.94 -20.63 10.88
CA TRP A 117 11.30 -20.82 10.39
C TRP A 117 11.89 -22.12 10.91
N GLN A 118 11.65 -22.39 12.20
CA GLN A 118 12.11 -23.62 12.86
C GLN A 118 11.49 -24.89 12.24
N LYS A 119 10.17 -24.89 12.07
CA LYS A 119 9.49 -26.04 11.50
C LYS A 119 9.96 -26.35 10.08
N ASN A 120 10.19 -25.30 9.31
CA ASN A 120 10.61 -25.37 7.91
C ASN A 120 12.13 -25.37 7.65
N ASN A 121 12.92 -25.34 8.73
CA ASN A 121 14.39 -25.34 8.62
C ASN A 121 14.93 -24.21 7.75
N VAL A 122 14.40 -23.00 7.94
CA VAL A 122 14.75 -21.86 7.12
C VAL A 122 16.14 -21.38 7.56
N PHE A 123 16.43 -21.56 8.84
CA PHE A 123 17.78 -21.37 9.36
C PHE A 123 18.21 -22.59 10.12
N LYS A 124 19.52 -22.71 10.31
CA LYS A 124 20.13 -23.80 11.06
C LYS A 124 19.73 -23.70 12.54
N SER A 125 19.82 -24.83 13.24
CA SER A 125 19.37 -24.94 14.63
C SER A 125 20.08 -24.02 15.62
N GLU A 126 21.39 -23.89 15.47
CA GLU A 126 22.20 -23.07 16.38
C GLU A 126 22.01 -21.58 16.13
N ILE A 127 21.21 -21.25 15.12
CA ILE A 127 20.81 -19.88 14.84
C ILE A 127 19.40 -19.70 15.40
N ILE A 128 18.51 -20.63 15.09
CA ILE A 128 17.11 -20.54 15.52
C ILE A 128 16.99 -20.58 17.04
N GLN A 129 17.73 -21.48 17.66
CA GLN A 129 17.64 -21.68 19.11
C GLN A 129 17.93 -20.41 19.95
N PRO A 130 19.07 -19.72 19.70
CA PRO A 130 19.27 -18.45 20.41
C PRO A 130 18.21 -17.37 20.14
N LEU A 131 17.66 -17.32 18.93
CA LEU A 131 16.60 -16.36 18.59
C LEU A 131 15.33 -16.64 19.39
N LEU A 132 14.99 -17.92 19.51
CA LEU A 132 13.93 -18.40 20.41
C LEU A 132 14.21 -18.08 21.88
N ASP A 133 15.47 -18.29 22.31
CA ASP A 133 15.90 -17.95 23.68
C ASP A 133 15.69 -16.47 24.00
N MET A 134 16.06 -15.61 23.04
CA MET A 134 15.85 -14.16 23.15
C MET A 134 14.37 -13.79 23.36
N ALA A 135 13.49 -14.40 22.58
CA ALA A 135 12.04 -14.26 22.78
C ALA A 135 11.62 -14.61 24.20
N ALA A 136 12.10 -15.75 24.69
CA ALA A 136 11.77 -16.26 26.03
C ALA A 136 12.39 -15.46 27.16
N ALA A 137 13.53 -14.82 26.90
CA ALA A 137 14.22 -14.01 27.92
C ALA A 137 13.43 -12.74 28.24
N LEU A 138 12.63 -12.30 27.27
CA LEU A 138 11.74 -11.17 27.47
C LEU A 138 10.38 -11.63 28.00
N GLU A 139 9.75 -12.54 27.25
CA GLU A 139 8.34 -12.90 27.39
C GLU A 139 7.41 -11.70 27.26
N MET B 1 2.30 10.71 10.54
CA MET B 1 1.17 10.85 9.57
C MET B 1 0.00 9.92 9.91
N GLU B 2 -0.20 9.66 11.22
CA GLU B 2 -1.17 8.67 11.74
C GLU B 2 -2.49 8.52 10.96
N ALA B 3 -3.28 9.58 10.91
CA ALA B 3 -4.55 9.56 10.20
C ALA B 3 -4.32 9.38 8.69
N VAL B 4 -3.31 10.05 8.15
CA VAL B 4 -3.01 9.95 6.73
C VAL B 4 -2.47 8.55 6.40
N LYS B 5 -1.61 8.02 7.27
CA LYS B 5 -1.04 6.69 7.06
C LYS B 5 -2.10 5.61 7.05
N THR B 6 -3.09 5.73 7.93
CA THR B 6 -4.22 4.80 8.00
C THR B 6 -5.07 4.91 6.72
N PHE B 7 -5.26 6.14 6.24
CA PHE B 7 -5.88 6.32 4.93
C PHE B 7 -5.05 5.70 3.78
N ASN B 8 -3.73 6.00 3.72
CA ASN B 8 -2.88 5.42 2.68
C ASN B 8 -2.99 3.88 2.67
N SER B 9 -2.98 3.27 3.86
CA SER B 9 -3.21 1.83 3.99
C SER B 9 -4.50 1.34 3.36
N GLU B 10 -5.63 2.02 3.64
CA GLU B 10 -6.92 1.62 3.07
C GLU B 10 -6.94 1.77 1.55
N LEU B 11 -6.41 2.90 1.09
CA LEU B 11 -6.34 3.17 -0.33
C LEU B 11 -5.50 2.12 -1.05
N TYR B 12 -4.28 1.89 -0.58
CA TYR B 12 -3.39 0.91 -1.20
C TYR B 12 -3.95 -0.52 -1.16
N SER B 13 -4.80 -0.82 -0.18
CA SER B 13 -5.33 -2.18 -0.02
C SER B 13 -6.23 -2.58 -1.21
N LEU B 14 -6.62 -1.61 -2.04
CA LEU B 14 -7.29 -1.90 -3.32
C LEU B 14 -6.50 -2.87 -4.16
N ASN B 15 -5.16 -2.76 -4.11
CA ASN B 15 -4.25 -3.68 -4.81
C ASN B 15 -4.38 -5.16 -4.38
N ASP B 16 -5.04 -5.41 -3.26
CA ASP B 16 -5.20 -6.80 -2.76
C ASP B 16 -6.53 -7.44 -3.19
N TYR B 17 -7.34 -6.70 -3.96
CA TYR B 17 -8.66 -7.14 -4.41
C TYR B 17 -8.79 -7.02 -5.91
N LYS B 18 -9.48 -7.97 -6.52
CA LYS B 18 -9.79 -7.93 -7.93
C LYS B 18 -11.08 -7.12 -8.10
N PRO B 19 -11.06 -6.09 -8.96
CA PRO B 19 -12.29 -5.34 -9.26
C PRO B 19 -13.35 -6.27 -9.88
N PRO B 20 -14.65 -5.98 -9.68
CA PRO B 20 -15.22 -4.79 -9.02
C PRO B 20 -14.98 -4.75 -7.50
N ILE B 21 -14.67 -3.57 -6.99
CA ILE B 21 -14.44 -3.37 -5.57
C ILE B 21 -15.77 -3.35 -4.81
N SER B 22 -15.82 -4.09 -3.70
CA SER B 22 -17.02 -4.19 -2.87
C SER B 22 -17.43 -2.86 -2.18
N LYS B 23 -18.73 -2.74 -1.92
CA LYS B 23 -19.29 -1.67 -1.08
C LYS B 23 -18.56 -1.58 0.26
N ALA B 24 -18.36 -2.73 0.89
CA ALA B 24 -17.69 -2.80 2.19
C ALA B 24 -16.29 -2.20 2.16
N LYS B 25 -15.49 -2.54 1.14
CA LYS B 25 -14.14 -1.98 1.03
C LYS B 25 -14.18 -0.48 0.76
N MET B 26 -15.06 -0.03 -0.14
CA MET B 26 -15.18 1.39 -0.45
C MET B 26 -15.55 2.23 0.79
N THR B 27 -16.47 1.70 1.59
CA THR B 27 -16.84 2.32 2.87
C THR B 27 -15.63 2.48 3.83
N GLN B 28 -14.79 1.44 3.93
CA GLN B 28 -13.57 1.47 4.77
C GLN B 28 -12.61 2.58 4.35
N ILE B 29 -12.38 2.69 3.04
CA ILE B 29 -11.51 3.70 2.49
C ILE B 29 -12.12 5.07 2.79
N THR B 30 -13.42 5.20 2.54
CA THR B 30 -14.14 6.46 2.74
C THR B 30 -14.12 6.94 4.22
N LYS B 31 -14.40 6.05 5.15
CA LYS B 31 -14.33 6.36 6.57
C LYS B 31 -12.95 6.83 6.98
N ALA B 32 -11.91 6.19 6.44
CA ALA B 32 -10.53 6.58 6.73
C ALA B 32 -10.21 8.01 6.26
N ALA B 33 -10.70 8.36 5.07
CA ALA B 33 -10.49 9.68 4.50
C ALA B 33 -11.20 10.76 5.31
N ILE B 34 -12.42 10.48 5.75
CA ILE B 34 -13.21 11.43 6.53
C ILE B 34 -12.53 11.66 7.88
N LYS B 35 -12.02 10.59 8.49
CA LYS B 35 -11.33 10.68 9.78
C LYS B 35 -10.05 11.52 9.67
N ALA B 36 -9.44 11.50 8.48
CA ALA B 36 -8.23 12.27 8.19
C ALA B 36 -8.53 13.66 7.62
N ILE B 37 -9.73 14.18 7.88
CA ILE B 37 -10.16 15.43 7.26
C ILE B 37 -9.25 16.63 7.56
N LYS B 38 -8.62 16.64 8.73
CA LYS B 38 -7.64 17.69 9.07
C LYS B 38 -6.57 17.78 7.98
N PHE B 39 -6.30 16.64 7.35
CA PHE B 39 -5.27 16.50 6.34
C PHE B 39 -5.88 16.20 4.96
N TYR B 40 -6.98 16.86 4.64
CA TYR B 40 -7.71 16.57 3.39
C TYR B 40 -6.83 16.81 2.16
N LYS B 41 -5.92 17.78 2.25
CA LYS B 41 -5.02 18.05 1.11
C LYS B 41 -4.13 16.82 0.81
N HIS B 42 -3.65 16.17 1.87
CA HIS B 42 -2.83 14.97 1.76
C HIS B 42 -3.60 13.76 1.25
N VAL B 43 -4.86 13.63 1.68
CA VAL B 43 -5.79 12.61 1.19
C VAL B 43 -6.05 12.74 -0.32
N VAL B 44 -6.33 13.96 -0.76
CA VAL B 44 -6.53 14.23 -2.19
C VAL B 44 -5.25 13.88 -2.97
N GLN B 45 -4.10 14.34 -2.46
CA GLN B 45 -2.79 14.02 -3.05
C GLN B 45 -2.56 12.51 -3.19
N SER B 46 -2.83 11.75 -2.13
CA SER B 46 -2.68 10.29 -2.16
C SER B 46 -3.60 9.64 -3.19
N VAL B 47 -4.87 10.06 -3.25
CA VAL B 47 -5.80 9.51 -4.26
C VAL B 47 -5.32 9.80 -5.69
N GLU B 48 -4.87 11.03 -5.92
CA GLU B 48 -4.34 11.42 -7.24
C GLU B 48 -3.06 10.66 -7.60
N LYS B 49 -2.16 10.50 -6.61
CA LYS B 49 -0.94 9.71 -6.78
CA LYS B 49 -0.95 9.71 -6.82
C LYS B 49 -1.28 8.25 -7.14
N PHE B 50 -2.24 7.67 -6.42
CA PHE B 50 -2.72 6.30 -6.69
C PHE B 50 -3.26 6.16 -8.13
N ILE B 51 -4.13 7.09 -8.52
CA ILE B 51 -4.72 7.07 -9.85
C ILE B 51 -3.63 7.21 -10.92
N GLN B 52 -2.61 8.01 -10.64
CA GLN B 52 -1.52 8.22 -11.59
C GLN B 52 -0.71 6.94 -11.81
N LYS B 53 -0.43 6.22 -10.72
CA LYS B 53 0.49 5.07 -10.75
C LYS B 53 -0.15 3.68 -10.85
N CYS B 54 -1.43 3.54 -10.52
CA CYS B 54 -2.06 2.20 -10.44
C CYS B 54 -2.18 1.49 -11.79
N LYS B 55 -2.35 0.18 -11.73
CA LYS B 55 -2.63 -0.64 -12.91
C LYS B 55 -3.92 -0.14 -13.59
N PRO B 56 -4.03 -0.34 -14.92
CA PRO B 56 -5.26 0.08 -15.64
C PRO B 56 -6.56 -0.39 -15.00
N GLU B 57 -6.61 -1.63 -14.50
CA GLU B 57 -7.80 -2.18 -13.84
C GLU B 57 -8.26 -1.41 -12.58
N TYR B 58 -7.35 -0.63 -11.98
CA TYR B 58 -7.70 0.11 -10.77
C TYR B 58 -8.04 1.58 -11.03
N LYS B 59 -8.07 2.02 -12.29
CA LYS B 59 -8.39 3.44 -12.61
C LYS B 59 -9.80 3.76 -12.14
N VAL B 60 -10.77 2.98 -12.62
CA VAL B 60 -12.17 3.16 -12.22
C VAL B 60 -12.40 3.04 -10.68
N PRO B 61 -11.88 1.99 -10.03
CA PRO B 61 -11.93 2.00 -8.55
C PRO B 61 -11.35 3.26 -7.91
N GLY B 62 -10.27 3.83 -8.47
CA GLY B 62 -9.73 5.11 -7.99
C GLY B 62 -10.71 6.28 -8.11
N LEU B 63 -11.42 6.33 -9.23
CA LEU B 63 -12.50 7.30 -9.42
C LEU B 63 -13.68 7.08 -8.45
N TYR B 64 -14.01 5.81 -8.20
CA TYR B 64 -15.05 5.48 -7.24
C TYR B 64 -14.68 5.94 -5.82
N VAL B 65 -13.39 5.88 -5.49
CA VAL B 65 -12.86 6.47 -4.24
C VAL B 65 -13.15 7.98 -4.14
N ILE B 66 -12.90 8.71 -5.23
CA ILE B 66 -13.20 10.17 -5.25
C ILE B 66 -14.69 10.41 -5.04
N ASP B 67 -15.51 9.72 -5.83
CA ASP B 67 -16.96 9.81 -5.76
C ASP B 67 -17.47 9.51 -4.33
N SER B 68 -16.96 8.41 -3.77
CA SER B 68 -17.38 7.95 -2.45
C SER B 68 -17.00 8.97 -1.37
N ILE B 69 -15.75 9.43 -1.41
CA ILE B 69 -15.26 10.41 -0.45
C ILE B 69 -16.06 11.72 -0.53
N VAL B 70 -16.22 12.22 -1.74
CA VAL B 70 -16.90 13.49 -1.97
C VAL B 70 -18.36 13.43 -1.49
N ARG B 71 -19.07 12.36 -1.87
CA ARG B 71 -20.48 12.22 -1.51
C ARG B 71 -20.67 12.02 0.00
N GLN B 72 -19.81 11.23 0.61
CA GLN B 72 -19.89 11.04 2.07
C GLN B 72 -19.64 12.37 2.80
N SER B 73 -18.62 13.09 2.36
CA SER B 73 -18.27 14.39 2.96
C SER B 73 -19.42 15.40 2.84
N ARG B 74 -20.00 15.52 1.65
CA ARG B 74 -21.16 16.37 1.46
C ARG B 74 -22.30 15.96 2.38
N HIS B 75 -22.53 14.66 2.51
CA HIS B 75 -23.58 14.17 3.40
C HIS B 75 -23.28 14.53 4.86
N GLN B 76 -22.04 14.28 5.26
CA GLN B 76 -21.62 14.35 6.65
C GLN B 76 -21.41 15.78 7.15
N PHE B 77 -20.88 16.65 6.29
CA PHE B 77 -20.53 18.01 6.69
C PHE B 77 -21.41 19.10 6.10
N GLY B 78 -22.22 18.73 5.12
CA GLY B 78 -23.03 19.70 4.39
C GLY B 78 -22.42 19.91 3.02
N GLN B 79 -23.28 20.08 2.02
CA GLN B 79 -22.83 20.21 0.63
C GLN B 79 -21.92 21.41 0.42
N GLU B 80 -22.23 22.53 1.07
CA GLU B 80 -21.47 23.76 0.90
CA GLU B 80 -21.50 23.80 0.95
C GLU B 80 -20.23 23.80 1.81
N LYS B 81 -20.15 22.87 2.75
CA LYS B 81 -19.04 22.82 3.69
C LYS B 81 -17.95 21.83 3.29
N ASP B 82 -18.30 20.90 2.40
CA ASP B 82 -17.38 19.88 1.94
C ASP B 82 -16.09 20.51 1.41
N VAL B 83 -14.97 20.06 1.95
CA VAL B 83 -13.64 20.50 1.52
C VAL B 83 -13.07 19.66 0.35
N PHE B 84 -13.62 18.47 0.14
CA PHE B 84 -13.02 17.50 -0.82
C PHE B 84 -13.27 17.78 -2.31
N ALA B 85 -14.51 18.08 -2.68
CA ALA B 85 -14.82 18.38 -4.08
C ALA B 85 -14.02 19.56 -4.61
N PRO B 86 -14.00 20.71 -3.88
CA PRO B 86 -13.21 21.85 -4.39
C PRO B 86 -11.71 21.52 -4.47
N ARG B 87 -11.20 20.73 -3.53
CA ARG B 87 -9.80 20.31 -3.57
C ARG B 87 -9.51 19.31 -4.72
N PHE B 88 -10.38 18.31 -4.90
CA PHE B 88 -10.25 17.40 -6.05
C PHE B 88 -10.37 18.14 -7.38
N SER B 89 -11.09 19.27 -7.39
CA SER B 89 -11.33 20.04 -8.61
CA SER B 89 -11.33 20.01 -8.62
C SER B 89 -10.06 20.69 -9.16
N ASN B 90 -9.13 21.02 -8.26
CA ASN B 90 -7.89 21.72 -8.64
C ASN B 90 -7.07 21.03 -9.75
N ASN B 91 -6.78 19.74 -9.58
CA ASN B 91 -5.99 19.00 -10.57
C ASN B 91 -6.82 18.01 -11.38
N ILE B 92 -8.11 18.32 -11.58
CA ILE B 92 -9.05 17.35 -12.10
C ILE B 92 -8.79 16.97 -13.57
N ILE B 93 -8.21 17.91 -14.33
CA ILE B 93 -7.82 17.62 -15.71
C ILE B 93 -6.74 16.53 -15.74
N SER B 94 -5.68 16.72 -14.97
CA SER B 94 -4.59 15.75 -14.82
CA SER B 94 -4.60 15.73 -14.84
C SER B 94 -5.17 14.39 -14.43
N THR B 95 -6.05 14.41 -13.42
CA THR B 95 -6.64 13.20 -12.83
C THR B 95 -7.37 12.38 -13.89
N PHE B 96 -8.21 13.05 -14.67
CA PHE B 96 -8.97 12.38 -15.71
C PHE B 96 -8.14 11.92 -16.92
N GLN B 97 -7.11 12.68 -17.28
CA GLN B 97 -6.08 12.20 -18.23
C GLN B 97 -5.55 10.83 -17.80
N ASN B 98 -5.27 10.68 -16.51
CA ASN B 98 -4.75 9.42 -15.98
C ASN B 98 -5.84 8.34 -15.95
N LEU B 99 -7.03 8.71 -15.50
CA LEU B 99 -8.16 7.79 -15.46
C LEU B 99 -8.52 7.20 -16.82
N TYR B 100 -8.43 8.02 -17.86
CA TYR B 100 -8.75 7.57 -19.22
C TYR B 100 -7.70 6.59 -19.82
N ARG B 101 -6.63 6.30 -19.06
CA ARG B 101 -5.69 5.19 -19.38
C ARG B 101 -6.23 3.80 -18.93
N CYS B 102 -7.50 3.76 -18.51
CA CYS B 102 -8.20 2.52 -18.15
C CYS B 102 -8.39 1.63 -19.37
N PRO B 103 -8.77 0.34 -19.17
CA PRO B 103 -9.14 -0.47 -20.33
C PRO B 103 -10.28 0.17 -21.11
N GLY B 104 -10.31 -0.07 -22.42
CA GLY B 104 -11.32 0.50 -23.31
C GLY B 104 -12.76 0.40 -22.83
N ASP B 105 -13.15 -0.78 -22.33
CA ASP B 105 -14.53 -1.01 -21.89
C ASP B 105 -14.90 -0.35 -20.56
N ASP B 106 -13.90 0.22 -19.88
CA ASP B 106 -14.09 0.90 -18.60
C ASP B 106 -14.37 2.39 -18.77
N LYS B 107 -14.15 2.91 -19.97
CA LYS B 107 -14.43 4.32 -20.24
C LYS B 107 -15.87 4.73 -19.98
N SER B 108 -16.83 3.86 -20.37
CA SER B 108 -18.25 4.11 -20.08
C SER B 108 -18.54 4.29 -18.57
N LYS B 109 -17.78 3.58 -17.73
CA LYS B 109 -17.94 3.68 -16.27
C LYS B 109 -17.56 5.06 -15.73
N ILE B 110 -16.56 5.66 -16.36
CA ILE B 110 -16.13 7.02 -16.02
C ILE B 110 -17.21 8.05 -16.41
N VAL B 111 -17.74 7.89 -17.62
CA VAL B 111 -18.80 8.78 -18.11
C VAL B 111 -20.05 8.70 -17.22
N THR B 112 -20.41 7.49 -16.79
CA THR B 112 -21.55 7.30 -15.88
C THR B 112 -21.38 8.15 -14.61
N VAL B 113 -20.19 8.12 -14.01
CA VAL B 113 -19.88 8.95 -12.82
C VAL B 113 -19.97 10.45 -13.15
N LEU B 114 -19.37 10.87 -14.27
CA LEU B 114 -19.43 12.26 -14.69
C LEU B 114 -20.87 12.76 -14.87
N ASN B 115 -21.71 11.94 -15.50
CA ASN B 115 -23.12 12.28 -15.71
C ASN B 115 -23.91 12.41 -14.40
N LEU B 116 -23.63 11.52 -13.46
CA LEU B 116 -24.16 11.59 -12.10
C LEU B 116 -23.68 12.85 -11.35
N TRP B 117 -22.40 13.20 -11.49
CA TRP B 117 -21.85 14.38 -10.84
C TRP B 117 -22.52 15.66 -11.34
N GLN B 118 -22.75 15.72 -12.65
CA GLN B 118 -23.45 16.83 -13.27
C GLN B 118 -24.91 16.88 -12.81
N LYS B 119 -25.61 15.75 -12.92
CA LYS B 119 -27.02 15.62 -12.53
C LYS B 119 -27.28 16.01 -11.07
N ASN B 120 -26.41 15.56 -10.16
CA ASN B 120 -26.59 15.79 -8.74
C ASN B 120 -25.83 17.00 -8.21
N ASN B 121 -25.28 17.80 -9.11
CA ASN B 121 -24.52 19.01 -8.79
C ASN B 121 -23.38 18.77 -7.77
N VAL B 122 -22.74 17.62 -7.89
CA VAL B 122 -21.60 17.25 -7.06
C VAL B 122 -20.40 18.15 -7.41
N PHE B 123 -20.16 18.34 -8.70
CA PHE B 123 -19.17 19.30 -9.17
C PHE B 123 -19.89 20.25 -10.10
N LYS B 124 -19.28 21.41 -10.34
CA LYS B 124 -19.84 22.42 -11.22
C LYS B 124 -19.79 21.97 -12.69
N SER B 125 -20.83 22.30 -13.44
CA SER B 125 -20.94 21.88 -14.84
C SER B 125 -19.75 22.36 -15.68
N GLU B 126 -19.31 23.60 -15.43
CA GLU B 126 -18.10 24.19 -16.02
C GLU B 126 -16.86 23.29 -15.87
N ILE B 127 -16.76 22.60 -14.74
CA ILE B 127 -15.65 21.69 -14.46
C ILE B 127 -15.85 20.33 -15.18
N ILE B 128 -17.09 19.87 -15.22
CA ILE B 128 -17.45 18.55 -15.74
CA ILE B 128 -17.44 18.55 -15.74
C ILE B 128 -17.39 18.44 -17.26
N GLN B 129 -17.80 19.49 -17.95
CA GLN B 129 -17.94 19.44 -19.41
C GLN B 129 -16.64 19.08 -20.18
N PRO B 130 -15.50 19.71 -19.84
CA PRO B 130 -14.26 19.32 -20.53
C PRO B 130 -13.88 17.85 -20.27
N LEU B 131 -14.23 17.34 -19.09
CA LEU B 131 -14.01 15.93 -18.76
C LEU B 131 -14.83 14.98 -19.67
N LEU B 132 -16.09 15.36 -19.94
CA LEU B 132 -16.94 14.60 -20.86
C LEU B 132 -16.43 14.68 -22.31
N ASP B 133 -16.05 15.90 -22.73
CA ASP B 133 -15.44 16.13 -24.05
C ASP B 133 -14.22 15.24 -24.27
N MET B 134 -13.40 15.09 -23.24
CA MET B 134 -12.25 14.21 -23.26
C MET B 134 -12.64 12.74 -23.53
N ALA B 135 -13.73 12.27 -22.93
CA ALA B 135 -14.21 10.92 -23.19
C ALA B 135 -14.54 10.75 -24.66
N ALA B 136 -15.32 11.69 -25.19
CA ALA B 136 -15.78 11.67 -26.58
C ALA B 136 -14.63 11.73 -27.59
N ALA B 137 -13.61 12.55 -27.29
CA ALA B 137 -12.48 12.72 -28.20
C ALA B 137 -11.71 11.40 -28.38
N LEU B 138 -11.50 10.70 -27.26
CA LEU B 138 -10.86 9.38 -27.29
C LEU B 138 -11.68 8.32 -28.06
N GLU B 139 -13.02 8.43 -27.99
CA GLU B 139 -13.92 7.52 -28.70
CA GLU B 139 -13.90 7.49 -28.69
C GLU B 139 -13.78 7.62 -30.20
N HIS B 140 -13.55 8.82 -30.69
CA HIS B 140 -13.36 9.06 -32.12
C HIS B 140 -11.94 8.69 -32.62
N HIS B 141 -10.95 8.89 -31.75
CA HIS B 141 -9.54 8.69 -32.12
C HIS B 141 -9.17 7.22 -32.24
N TYR C 8 -0.88 -9.37 4.73
CA TYR C 8 0.25 -10.34 4.74
C TYR C 8 0.45 -10.99 6.11
N SEP C 9 0.81 -12.28 6.09
CA SEP C 9 1.23 -12.99 7.29
CB SEP C 9 0.04 -13.66 7.98
OG SEP C 9 -0.17 -14.97 7.50
C SEP C 9 2.32 -14.02 6.95
O SEP C 9 2.52 -14.37 5.78
P SEP C 9 -0.89 -15.87 8.63
O1P SEP C 9 0.12 -16.15 9.87
O2P SEP C 9 -2.21 -15.13 9.17
O3P SEP C 9 -1.31 -17.28 7.96
N PRO C 10 3.06 -14.51 7.98
CA PRO C 10 4.06 -15.55 7.72
C PRO C 10 3.44 -16.82 7.16
N PRO D 6 -21.22 -7.57 -2.78
CA PRO D 6 -21.94 -6.43 -3.35
C PRO D 6 -20.97 -5.31 -3.67
N SER D 7 -20.78 -5.05 -4.95
CA SER D 7 -19.81 -4.07 -5.42
C SER D 7 -20.32 -2.63 -5.33
N TYR D 8 -19.38 -1.71 -5.14
CA TYR D 8 -19.66 -0.27 -5.11
C TYR D 8 -20.30 0.21 -6.42
N SEP D 9 -21.33 1.03 -6.27
CA SEP D 9 -21.93 1.71 -7.41
CB SEP D 9 -23.23 1.03 -7.83
OG SEP D 9 -23.93 1.85 -8.76
C SEP D 9 -22.16 3.19 -7.08
O SEP D 9 -22.69 3.52 -6.02
P SEP D 9 -24.30 1.10 -10.15
O1P SEP D 9 -25.72 0.35 -9.99
O2P SEP D 9 -24.42 2.23 -11.29
O3P SEP D 9 -23.16 0.05 -10.57
N PRO D 10 -21.78 4.09 -8.03
CA PRO D 10 -21.96 5.54 -7.88
C PRO D 10 -23.42 5.99 -7.81
N THR D 11 -24.34 5.14 -8.26
CA THR D 11 -25.78 5.45 -8.28
C THR D 11 -26.43 5.32 -6.91
N SEP D 12 -25.83 4.51 -6.04
CA SEP D 12 -26.44 4.18 -4.75
CB SEP D 12 -26.15 2.72 -4.39
OG SEP D 12 -24.78 2.42 -4.55
C SEP D 12 -25.98 5.11 -3.62
O SEP D 12 -24.83 5.53 -3.60
P SEP D 12 -24.32 1.18 -3.63
O1P SEP D 12 -24.85 -0.21 -4.27
O2P SEP D 12 -22.70 1.20 -3.59
O3P SEP D 12 -24.94 1.33 -2.14
N PRO D 13 -26.90 5.42 -2.67
CA PRO D 13 -26.60 6.27 -1.53
C PRO D 13 -25.51 5.70 -0.63
S SO4 E . 4.30 -22.73 6.34
O1 SO4 E . 4.85 -22.56 4.99
O2 SO4 E . 2.86 -22.93 6.26
O3 SO4 E . 4.91 -23.90 6.96
O4 SO4 E . 4.58 -21.53 7.10
S SO4 F . 27.80 -14.65 2.61
O1 SO4 F . 27.98 -13.54 1.67
O2 SO4 F . 26.47 -15.25 2.45
O3 SO4 F . 28.83 -15.65 2.34
O4 SO4 F . 27.95 -14.15 3.97
S SO4 G . 31.35 -9.13 2.39
O1 SO4 G . 31.21 -8.47 1.10
O2 SO4 G . 30.25 -8.74 3.27
O3 SO4 G . 31.36 -10.58 2.19
O4 SO4 G . 32.60 -8.71 3.04
S SO4 H . 20.45 -28.07 11.23
O1 SO4 H . 21.26 -26.96 11.74
O2 SO4 H . 21.21 -28.78 10.20
O3 SO4 H . 20.10 -28.98 12.32
O4 SO4 H . 19.23 -27.53 10.62
S SO4 I . 0.07 -8.74 11.13
O1 SO4 I . -0.21 -8.84 9.70
O2 SO4 I . -1.14 -8.35 11.84
O3 SO4 I . 0.55 -10.03 11.64
O4 SO4 I . 1.10 -7.74 11.36
S SO4 J . 4.03 2.29 -5.29
O1 SO4 J . 5.42 1.84 -5.32
O2 SO4 J . 3.88 3.46 -6.15
O3 SO4 J . 3.15 1.22 -5.77
O4 SO4 J . 3.67 2.63 -3.90
S SO4 K . -25.98 10.81 -1.84
O1 SO4 K . -24.57 10.99 -2.19
O2 SO4 K . -26.82 11.55 -2.79
O3 SO4 K . -26.30 9.39 -1.92
O4 SO4 K . -26.21 11.27 -0.48
S SO4 L . -1.61 24.20 -0.81
O1 SO4 L . -0.78 25.15 -1.55
O2 SO4 L . -3.00 24.64 -0.82
O3 SO4 L . -1.45 22.89 -1.45
O4 SO4 L . -1.15 24.13 0.57
S SO4 M . -8.36 24.24 -1.43
O1 SO4 M . -7.58 24.22 -2.67
O2 SO4 M . -9.61 23.51 -1.63
O3 SO4 M . -7.57 23.64 -0.36
O4 SO4 M . -8.65 25.61 -1.05
S SO4 N . -25.18 7.32 -18.04
O1 SO4 N . -23.82 7.75 -18.31
O2 SO4 N . -25.86 6.95 -19.28
O3 SO4 N . -25.16 6.17 -17.15
O4 SO4 N . -25.90 8.44 -17.43
#